data_5O8V
#
_entry.id   5O8V
#
_cell.length_a   65.200
_cell.length_b   74.250
_cell.length_c   77.820
_cell.angle_alpha   90.00
_cell.angle_beta   90.00
_cell.angle_gamma   90.00
#
_symmetry.space_group_name_H-M   'P 21 21 21'
#
loop_
_entity.id
_entity.type
_entity.pdbx_description
1 polymer 'Mitogen-activated protein kinase 14'
2 non-polymer ~{N}-[3-[7-azanyl-4-(2-phenylethylamino)quinazolin-2-yl]phenyl]propanamide
3 water water
#
_entity_poly.entity_id   1
_entity_poly.type   'polypeptide(L)'
_entity_poly.pdbx_seq_one_letter_code
;MSQERPTFYRQELNKTIWEVPERYQNLSPVGSGAYGSVCAAFDTKTGLRVAVKKLSRPFQSIIHAKRTYRELRLLKHMKH
ENVIGLLDVFTPARSLEEFNDVYLVTHLMGADLNNIVKCQKLTDDHVQFLIYQILRGLKYIHSADIIHRDLKPSNLAVNE
DCELKILDFGLARHTDDEMTGYVATRWYRAPEIMLNWMHYNQTVDIWSVGCIMAELLTGRTLFPGTDHIDQLKLILRLVG
TPGAELLKKICSESARNYIQSLTQMPKMNFANVFIGANPLAVDLLEKMLVLDSDKRITAAQALAHAYFAQYHDPDDEPVA
DPYDQSFESRDLLIDEWKSLTYDEVISFVPPPLDQEEMES
;
_entity_poly.pdbx_strand_id   A
#
loop_
_chem_comp.id
_chem_comp.type
_chem_comp.name
_chem_comp.formula
9O2 non-polymer ~{N}-[3-[7-azanyl-4-(2-phenylethylamino)quinazolin-2-yl]phenyl]propanamide 'C25 H25 N5 O'
#
# COMPACT_ATOMS: atom_id res chain seq x y z
N ARG A 5 9.58 23.14 -21.73
CA ARG A 5 9.50 23.73 -20.38
C ARG A 5 8.21 24.52 -20.24
N PRO A 6 7.27 24.05 -19.41
CA PRO A 6 6.01 24.77 -19.36
C PRO A 6 6.12 26.06 -18.57
N THR A 7 5.01 26.75 -18.56
CA THR A 7 4.89 28.02 -17.94
C THR A 7 4.18 27.72 -16.67
N PHE A 8 4.77 28.18 -15.58
CA PHE A 8 4.29 27.89 -14.25
C PHE A 8 3.53 29.09 -13.83
N TYR A 9 2.89 28.98 -12.68
CA TYR A 9 2.22 30.08 -12.04
C TYR A 9 2.22 29.80 -10.56
N ARG A 10 2.24 30.87 -9.77
CA ARG A 10 2.34 30.75 -8.34
C ARG A 10 1.00 30.92 -7.75
N GLN A 11 0.80 30.34 -6.58
CA GLN A 11 -0.44 30.41 -5.85
C GLN A 11 -0.23 29.96 -4.42
N GLU A 12 -0.80 30.67 -3.44
CA GLU A 12 -0.59 30.27 -2.06
C GLU A 12 -1.80 29.48 -1.68
N LEU A 13 -1.58 28.29 -1.12
CA LEU A 13 -2.66 27.44 -0.65
C LEU A 13 -2.36 26.98 0.75
N ASN A 14 -3.30 27.17 1.68
CA ASN A 14 -3.20 26.66 3.08
C ASN A 14 -1.81 26.94 3.67
N LYS A 15 -1.41 28.20 3.56
CA LYS A 15 -0.12 28.63 4.08
C LYS A 15 1.08 28.11 3.28
N THR A 16 0.93 27.62 2.06
CA THR A 16 2.10 27.17 1.28
C THR A 16 2.05 27.67 -0.17
N ILE A 17 3.19 28.12 -0.73
CA ILE A 17 3.22 28.57 -2.14
C ILE A 17 3.32 27.38 -3.11
N TRP A 18 2.29 27.17 -3.91
CA TRP A 18 2.29 26.16 -4.95
C TRP A 18 2.70 26.81 -6.25
N GLU A 19 3.78 26.32 -6.86
CA GLU A 19 4.17 26.79 -8.17
C GLU A 19 4.05 25.63 -9.15
N VAL A 20 3.01 25.64 -10.01
CA VAL A 20 2.65 24.49 -10.87
C VAL A 20 2.46 24.96 -12.31
N PRO A 21 2.65 24.06 -13.29
CA PRO A 21 2.35 24.42 -14.67
C PRO A 21 0.88 24.81 -14.93
N GLU A 22 0.68 25.61 -15.98
CA GLU A 22 -0.65 26.15 -16.26
C GLU A 22 -1.55 25.03 -16.71
N ARG A 23 -0.96 23.96 -17.21
CA ARG A 23 -1.76 22.79 -17.52
C ARG A 23 -2.67 22.37 -16.36
N TYR A 24 -2.24 22.59 -15.13
CA TYR A 24 -3.05 22.28 -13.95
C TYR A 24 -3.78 23.48 -13.42
N GLN A 25 -5.12 23.41 -13.35
CA GLN A 25 -5.96 24.56 -13.05
C GLN A 25 -6.91 24.25 -11.88
N ASN A 26 -7.50 25.27 -11.28
CA ASN A 26 -8.42 25.07 -10.16
C ASN A 26 -7.90 24.20 -9.05
N LEU A 27 -6.67 24.46 -8.62
CA LEU A 27 -6.13 23.78 -7.46
C LEU A 27 -7.01 23.97 -6.26
N SER A 28 -7.20 22.90 -5.51
CA SER A 28 -8.13 22.88 -4.43
C SER A 28 -7.67 21.83 -3.44
N PRO A 29 -7.42 22.23 -2.19
CA PRO A 29 -6.78 21.29 -1.28
C PRO A 29 -7.64 20.10 -0.89
N VAL A 30 -6.98 18.99 -0.52
CA VAL A 30 -7.68 17.77 -0.08
C VAL A 30 -7.13 17.10 1.17
N GLY A 31 -6.08 17.64 1.80
CA GLY A 31 -5.55 17.09 3.06
C GLY A 31 -4.03 16.96 3.10
N SER A 32 -3.56 16.16 4.05
CA SER A 32 -2.13 15.95 4.25
C SER A 32 -1.90 14.61 4.92
N GLY A 36 3.82 15.31 2.70
CA GLY A 36 3.41 16.56 2.03
C GLY A 36 1.91 16.79 1.94
N SER A 37 1.46 17.88 1.32
CA SER A 37 0.02 18.11 1.16
C SER A 37 -0.42 17.98 -0.30
N VAL A 38 -1.71 17.80 -0.49
CA VAL A 38 -2.26 17.45 -1.77
C VAL A 38 -3.37 18.40 -2.20
N CYS A 39 -3.33 18.80 -3.47
CA CYS A 39 -4.45 19.42 -4.13
C CYS A 39 -5.11 18.60 -5.24
N ALA A 40 -6.43 18.63 -5.23
CA ALA A 40 -7.21 18.40 -6.44
C ALA A 40 -6.94 19.46 -7.51
N ALA A 41 -6.78 19.06 -8.77
CA ALA A 41 -6.75 20.01 -9.87
C ALA A 41 -7.44 19.46 -11.11
N PHE A 42 -7.75 20.37 -12.04
CA PHE A 42 -8.19 20.01 -13.38
C PHE A 42 -6.97 20.03 -14.25
N ASP A 43 -6.78 18.99 -15.01
CA ASP A 43 -5.67 18.91 -15.89
C ASP A 43 -6.19 19.06 -17.34
N THR A 44 -5.66 20.06 -18.01
CA THR A 44 -6.16 20.54 -19.25
C THR A 44 -5.63 19.72 -20.39
N LYS A 45 -4.42 19.19 -20.25
CA LYS A 45 -3.85 18.37 -21.29
C LYS A 45 -4.61 17.04 -21.40
N THR A 46 -5.30 16.59 -20.37
CA THR A 46 -5.99 15.30 -20.44
C THR A 46 -7.47 15.31 -20.22
N GLY A 47 -8.00 16.34 -19.56
CA GLY A 47 -9.40 16.32 -19.15
C GLY A 47 -9.66 15.75 -17.76
N LEU A 48 -8.61 15.28 -17.06
CA LEU A 48 -8.83 14.57 -15.81
C LEU A 48 -8.75 15.41 -14.57
N ARG A 49 -9.50 15.01 -13.56
CA ARG A 49 -9.30 15.52 -12.21
C ARG A 49 -8.06 14.73 -11.76
N VAL A 50 -7.11 15.42 -11.14
CA VAL A 50 -5.85 14.79 -10.72
C VAL A 50 -5.54 15.21 -9.32
N ALA A 51 -4.69 14.46 -8.62
CA ALA A 51 -4.14 14.95 -7.32
C ALA A 51 -2.70 15.38 -7.59
N VAL A 52 -2.35 16.55 -7.09
CA VAL A 52 -1.03 17.11 -7.22
C VAL A 52 -0.55 17.14 -5.79
N LYS A 53 0.50 16.36 -5.51
CA LYS A 53 1.10 16.27 -4.20
C LYS A 53 2.41 17.11 -4.16
N LYS A 54 2.50 18.06 -3.25
CA LYS A 54 3.74 18.82 -3.03
C LYS A 54 4.49 18.23 -1.88
N LEU A 55 5.68 17.73 -2.15
CA LEU A 55 6.37 17.00 -1.07
C LEU A 55 6.80 18.00 0.00
N SER A 56 6.64 17.58 1.23
CA SER A 56 7.13 18.33 2.39
C SER A 56 8.64 18.10 2.61
N ARG A 57 9.46 19.14 2.46
CA ARG A 57 10.92 19.12 2.77
C ARG A 57 11.59 17.86 2.22
N PRO A 58 11.52 17.70 0.91
CA PRO A 58 11.97 16.45 0.35
C PRO A 58 13.42 16.07 0.67
N PHE A 59 14.31 17.04 0.85
CA PHE A 59 15.76 16.83 0.98
C PHE A 59 16.29 17.39 2.30
N GLN A 60 15.49 17.22 3.34
CA GLN A 60 15.77 17.75 4.66
C GLN A 60 16.83 17.00 5.46
N SER A 61 17.01 15.71 5.15
CA SER A 61 17.95 14.85 5.77
C SER A 61 18.20 13.72 4.77
N ILE A 62 19.27 12.96 4.99
CA ILE A 62 19.54 11.78 4.18
C ILE A 62 18.30 10.92 4.03
N ILE A 63 17.54 10.80 5.11
CA ILE A 63 16.39 9.93 5.19
C ILE A 63 15.19 10.49 4.44
N HIS A 64 14.94 11.78 4.58
CA HIS A 64 13.91 12.42 3.77
C HIS A 64 14.32 12.24 2.26
N ALA A 65 15.61 12.44 1.96
CA ALA A 65 16.05 12.49 0.55
C ALA A 65 15.93 11.14 -0.11
N LYS A 66 16.33 10.12 0.61
CA LYS A 66 16.21 8.76 0.16
C LYS A 66 14.78 8.31 0.04
N ARG A 67 13.96 8.79 0.95
CA ARG A 67 12.55 8.50 0.90
C ARG A 67 11.86 9.13 -0.32
N THR A 68 12.15 10.39 -0.57
CA THR A 68 11.75 11.08 -1.76
C THR A 68 12.11 10.32 -3.05
N TYR A 69 13.37 9.92 -3.13
CA TYR A 69 13.88 9.17 -4.24
C TYR A 69 13.09 7.87 -4.39
N ARG A 70 12.94 7.15 -3.28
CA ARG A 70 12.23 5.90 -3.25
C ARG A 70 10.77 6.02 -3.79
N GLU A 71 10.07 7.05 -3.33
CA GLU A 71 8.68 7.24 -3.68
C GLU A 71 8.59 7.54 -5.15
N LEU A 72 9.44 8.44 -5.66
CA LEU A 72 9.44 8.72 -7.07
C LEU A 72 9.77 7.47 -7.93
N ARG A 73 10.82 6.74 -7.58
CA ARG A 73 11.15 5.46 -8.27
C ARG A 73 9.94 4.46 -8.29
N LEU A 74 9.31 4.27 -7.16
CA LEU A 74 8.18 3.38 -7.10
C LEU A 74 7.04 3.83 -8.00
N LEU A 75 6.68 5.11 -7.89
CA LEU A 75 5.55 5.64 -8.66
C LEU A 75 5.79 5.55 -10.14
N LYS A 76 7.04 5.80 -10.56
CA LYS A 76 7.42 5.73 -11.96
C LYS A 76 7.36 4.30 -12.45
N HIS A 77 7.54 3.37 -11.55
CA HIS A 77 7.46 2.00 -11.98
C HIS A 77 6.08 1.45 -12.12
N MET A 78 5.14 1.87 -11.29
CA MET A 78 3.84 1.19 -11.23
C MET A 78 2.97 1.51 -12.43
N LYS A 79 2.71 0.50 -13.27
CA LYS A 79 1.83 0.61 -14.45
C LYS A 79 0.80 -0.49 -14.46
N HIS A 80 -0.28 -0.25 -13.73
CA HIS A 80 -1.26 -1.27 -13.49
C HIS A 80 -2.49 -0.65 -12.96
N GLU A 81 -3.60 -1.26 -13.35
CA GLU A 81 -4.91 -0.71 -13.16
C GLU A 81 -5.24 -0.57 -11.76
N ASN A 82 -4.74 -1.49 -10.90
CA ASN A 82 -5.06 -1.47 -9.47
C ASN A 82 -3.94 -0.94 -8.58
N VAL A 83 -2.98 -0.23 -9.19
CA VAL A 83 -1.94 0.43 -8.42
C VAL A 83 -1.84 1.87 -8.89
N ILE A 84 -1.72 2.78 -7.94
CA ILE A 84 -1.54 4.21 -8.31
C ILE A 84 -0.19 4.40 -9.02
N GLY A 85 -0.20 5.09 -10.14
CA GLY A 85 0.98 5.33 -10.92
C GLY A 85 1.08 6.85 -11.11
N LEU A 86 2.07 7.28 -11.89
CA LEU A 86 2.44 8.67 -12.01
C LEU A 86 1.99 9.30 -13.31
N LEU A 87 1.02 10.21 -13.26
CA LEU A 87 0.65 11.02 -14.45
C LEU A 87 1.74 12.03 -14.85
N ASP A 88 2.41 12.59 -13.87
CA ASP A 88 3.41 13.62 -14.08
C ASP A 88 4.23 13.82 -12.80
N VAL A 89 5.40 14.38 -13.00
CA VAL A 89 6.23 14.84 -11.91
C VAL A 89 6.95 16.10 -12.37
N PHE A 90 7.01 17.08 -11.50
CA PHE A 90 7.62 18.33 -11.91
C PHE A 90 8.20 19.09 -10.76
N THR A 91 9.14 19.96 -11.09
CA THR A 91 9.66 20.94 -10.16
C THR A 91 9.66 22.32 -10.83
N PRO A 92 9.30 23.37 -10.08
CA PRO A 92 9.49 24.70 -10.67
C PRO A 92 10.97 25.05 -10.95
N ALA A 93 11.95 24.36 -10.32
CA ALA A 93 13.40 24.59 -10.55
C ALA A 93 13.89 24.50 -12.00
N ARG A 94 14.66 25.50 -12.41
CA ARG A 94 15.23 25.56 -13.75
C ARG A 94 16.51 24.73 -13.86
N SER A 95 17.18 24.43 -12.74
CA SER A 95 18.41 23.57 -12.71
C SER A 95 18.53 22.73 -11.44
N LEU A 96 19.51 21.83 -11.43
CA LEU A 96 19.84 21.08 -10.21
C LEU A 96 20.14 21.94 -8.99
N GLU A 97 20.86 23.03 -9.21
CA GLU A 97 21.37 23.85 -8.09
C GLU A 97 20.22 24.42 -7.30
N GLU A 98 19.21 24.87 -8.01
CA GLU A 98 18.00 25.44 -7.36
C GLU A 98 16.86 24.41 -7.17
N PHE A 99 17.18 23.12 -7.20
CA PHE A 99 16.17 22.05 -7.07
C PHE A 99 15.81 21.86 -5.65
N ASN A 100 14.64 22.29 -5.21
CA ASN A 100 14.25 22.00 -3.86
C ASN A 100 12.82 21.58 -3.60
N ASP A 101 12.01 21.46 -4.63
CA ASP A 101 10.61 21.13 -4.49
C ASP A 101 10.24 20.05 -5.46
N VAL A 102 9.36 19.15 -5.03
CA VAL A 102 8.92 18.05 -5.91
C VAL A 102 7.44 17.96 -5.88
N TYR A 103 6.81 17.94 -7.03
CA TYR A 103 5.37 17.73 -7.12
C TYR A 103 5.06 16.44 -7.91
N LEU A 104 4.18 15.62 -7.36
CA LEU A 104 3.76 14.40 -8.01
C LEU A 104 2.30 14.53 -8.42
N VAL A 105 2.00 14.06 -9.61
CA VAL A 105 0.60 14.10 -10.13
C VAL A 105 0.16 12.70 -10.41
N THR A 106 -0.96 12.37 -9.79
CA THR A 106 -1.59 11.08 -9.93
C THR A 106 -3.09 11.26 -10.22
N HIS A 107 -3.73 10.18 -10.61
CA HIS A 107 -5.21 10.17 -10.68
C HIS A 107 -5.84 10.54 -9.35
N LEU A 108 -6.88 11.36 -9.39
CA LEU A 108 -7.62 11.70 -8.16
C LEU A 108 -8.67 10.62 -8.00
N MET A 109 -8.75 9.98 -6.85
CA MET A 109 -9.67 8.90 -6.65
C MET A 109 -10.75 9.43 -5.72
N GLY A 110 -11.97 8.94 -5.88
CA GLY A 110 -13.09 9.49 -5.12
C GLY A 110 -12.89 9.45 -3.61
N ALA A 111 -12.65 8.25 -3.12
CA ALA A 111 -12.77 7.96 -1.71
C ALA A 111 -11.77 6.83 -1.41
N ASP A 112 -11.73 6.41 -0.17
CA ASP A 112 -10.94 5.27 0.25
C ASP A 112 -11.83 4.25 0.92
N LEU A 113 -11.23 3.10 1.20
CA LEU A 113 -11.97 2.04 1.85
C LEU A 113 -12.36 2.37 3.28
N ASN A 114 -11.57 3.20 3.92
CA ASN A 114 -11.91 3.63 5.25
C ASN A 114 -13.37 4.13 5.26
N ASN A 115 -13.75 4.95 4.27
CA ASN A 115 -15.18 5.33 4.08
C ASN A 115 -16.11 4.14 3.95
N ILE A 116 -15.93 3.41 2.87
CA ILE A 116 -16.83 2.35 2.50
C ILE A 116 -16.76 1.21 3.53
N LEU A 122 -21.15 -3.84 3.77
CA LEU A 122 -20.90 -4.26 2.39
C LEU A 122 -21.40 -5.65 2.14
N THR A 123 -21.89 -5.85 0.93
CA THR A 123 -22.35 -7.15 0.51
C THR A 123 -21.20 -8.08 0.14
N ASP A 124 -21.43 -9.38 0.27
CA ASP A 124 -20.42 -10.35 -0.13
C ASP A 124 -19.92 -10.15 -1.58
N ASP A 125 -20.84 -9.73 -2.47
CA ASP A 125 -20.47 -9.48 -3.87
C ASP A 125 -19.62 -8.25 -4.02
N HIS A 126 -19.87 -7.24 -3.18
CA HIS A 126 -19.09 -6.01 -3.22
C HIS A 126 -17.66 -6.36 -2.74
N VAL A 127 -17.58 -7.08 -1.63
CA VAL A 127 -16.36 -7.55 -1.06
C VAL A 127 -15.55 -8.38 -2.06
N GLN A 128 -16.17 -9.29 -2.81
CA GLN A 128 -15.43 -10.08 -3.81
C GLN A 128 -14.64 -9.21 -4.74
N PHE A 129 -15.31 -8.15 -5.17
CA PHE A 129 -14.77 -7.36 -6.26
C PHE A 129 -13.61 -6.47 -5.75
N LEU A 130 -13.74 -5.93 -4.54
CA LEU A 130 -12.71 -5.07 -4.00
C LEU A 130 -11.50 -5.87 -3.59
N ILE A 131 -11.72 -6.96 -2.86
CA ILE A 131 -10.59 -7.81 -2.45
C ILE A 131 -9.89 -8.39 -3.69
N TYR A 132 -10.64 -8.76 -4.74
CA TYR A 132 -10.04 -9.30 -5.99
C TYR A 132 -9.11 -8.25 -6.60
N GLN A 133 -9.60 -7.03 -6.58
CA GLN A 133 -8.81 -5.95 -7.14
C GLN A 133 -7.48 -5.69 -6.35
N ILE A 134 -7.53 -5.75 -5.05
CA ILE A 134 -6.37 -5.54 -4.17
C ILE A 134 -5.38 -6.65 -4.47
N LEU A 135 -5.86 -7.89 -4.57
CA LEU A 135 -5.01 -9.05 -4.85
C LEU A 135 -4.41 -8.97 -6.20
N ARG A 136 -5.15 -8.44 -7.17
CA ARG A 136 -4.58 -8.31 -8.53
C ARG A 136 -3.45 -7.27 -8.58
N GLY A 137 -3.64 -6.11 -7.93
CA GLY A 137 -2.52 -5.14 -7.75
C GLY A 137 -1.32 -5.67 -6.99
N LEU A 138 -1.62 -6.39 -5.93
CA LEU A 138 -0.59 -7.00 -5.12
C LEU A 138 0.20 -8.03 -5.88
N LYS A 139 -0.48 -8.82 -6.70
CA LYS A 139 0.27 -9.74 -7.60
C LYS A 139 1.32 -8.99 -8.35
N TYR A 140 0.86 -7.91 -8.96
CA TYR A 140 1.74 -7.09 -9.75
C TYR A 140 2.89 -6.50 -8.92
N ILE A 141 2.56 -5.91 -7.76
CA ILE A 141 3.59 -5.28 -6.94
C ILE A 141 4.65 -6.33 -6.46
N HIS A 142 4.15 -7.46 -5.99
CA HIS A 142 4.94 -8.57 -5.49
C HIS A 142 5.85 -9.19 -6.54
N SER A 143 5.41 -9.20 -7.77
CA SER A 143 6.18 -9.63 -8.89
C SER A 143 7.40 -8.76 -9.11
N ALA A 144 7.40 -7.53 -8.65
CA ALA A 144 8.57 -6.67 -8.83
C ALA A 144 9.55 -6.81 -7.66
N ASP A 145 9.27 -7.74 -6.75
CA ASP A 145 9.98 -7.87 -5.46
C ASP A 145 9.79 -6.65 -4.57
N ILE A 146 8.59 -6.08 -4.61
CA ILE A 146 8.26 -4.99 -3.74
C ILE A 146 7.26 -5.47 -2.72
N ILE A 147 7.45 -5.07 -1.48
CA ILE A 147 6.49 -5.33 -0.41
C ILE A 147 5.85 -4.00 -0.05
N HIS A 148 4.54 -3.97 0.06
CA HIS A 148 3.88 -2.71 0.33
C HIS A 148 4.17 -2.38 1.77
N ARG A 149 3.88 -3.31 2.68
CA ARG A 149 4.04 -3.18 4.12
C ARG A 149 3.09 -2.34 4.92
N ASP A 150 2.30 -1.52 4.31
CA ASP A 150 1.40 -0.69 5.06
C ASP A 150 -0.01 -0.67 4.48
N LEU A 151 -0.50 -1.84 4.10
CA LEU A 151 -1.85 -1.90 3.59
C LEU A 151 -2.87 -1.74 4.70
N LYS A 152 -3.84 -0.88 4.46
CA LYS A 152 -4.88 -0.57 5.40
C LYS A 152 -5.97 0.16 4.62
N PRO A 153 -7.20 0.22 5.14
CA PRO A 153 -8.30 0.79 4.34
C PRO A 153 -8.01 2.18 3.76
N SER A 154 -7.33 3.06 4.52
CA SER A 154 -6.96 4.37 4.00
C SER A 154 -5.94 4.39 2.84
N ASN A 155 -5.26 3.29 2.56
CA ASN A 155 -4.29 3.21 1.45
C ASN A 155 -4.87 2.53 0.30
N LEU A 156 -6.19 2.33 0.31
CA LEU A 156 -6.86 1.72 -0.82
C LEU A 156 -7.89 2.72 -1.27
N ALA A 157 -7.76 3.20 -2.49
CA ALA A 157 -8.67 4.22 -3.03
C ALA A 157 -9.65 3.60 -4.01
N VAL A 158 -10.92 4.05 -3.96
CA VAL A 158 -11.98 3.55 -4.87
C VAL A 158 -12.68 4.75 -5.55
N ASN A 159 -13.01 4.61 -6.81
CA ASN A 159 -13.83 5.61 -7.48
C ASN A 159 -15.30 5.17 -7.43
N GLU A 160 -16.21 5.99 -7.98
CA GLU A 160 -17.67 5.69 -7.92
C GLU A 160 -18.01 4.44 -8.76
N ASP A 161 -17.18 4.09 -9.73
CA ASP A 161 -17.29 2.84 -10.50
C ASP A 161 -16.79 1.57 -9.72
N CYS A 162 -16.44 1.76 -8.46
CA CYS A 162 -15.95 0.68 -7.66
C CYS A 162 -14.54 0.19 -8.02
N GLU A 163 -13.87 0.87 -8.92
CA GLU A 163 -12.51 0.54 -9.32
C GLU A 163 -11.54 0.96 -8.18
N LEU A 164 -10.67 0.02 -7.81
CA LEU A 164 -9.78 0.14 -6.68
C LEU A 164 -8.33 0.32 -7.13
N LYS A 165 -7.62 1.22 -6.45
CA LYS A 165 -6.16 1.37 -6.64
C LYS A 165 -5.47 1.33 -5.31
N ILE A 166 -4.32 0.64 -5.27
CA ILE A 166 -3.48 0.66 -4.11
C ILE A 166 -2.60 1.95 -4.17
N LEU A 167 -2.42 2.58 -3.03
CA LEU A 167 -1.38 3.63 -2.95
C LEU A 167 -0.53 3.53 -1.70
N ASP A 168 0.33 4.52 -1.46
CA ASP A 168 1.14 4.59 -0.23
C ASP A 168 1.40 6.03 0.14
N VAL A 183 -7.43 5.46 11.70
CA VAL A 183 -7.24 4.04 11.48
C VAL A 183 -5.77 3.67 11.77
N ALA A 184 -5.54 2.84 12.80
CA ALA A 184 -4.16 2.42 13.21
C ALA A 184 -3.51 1.37 12.25
N THR A 185 -2.31 1.68 11.79
CA THR A 185 -1.54 0.77 10.95
C THR A 185 -1.47 -0.57 11.65
N ARG A 186 -1.37 -0.55 12.97
CA ARG A 186 -1.06 -1.73 13.77
C ARG A 186 -2.16 -2.77 13.60
N TRP A 187 -3.38 -2.27 13.40
CA TRP A 187 -4.56 -3.17 13.29
C TRP A 187 -4.47 -4.12 12.11
N TYR A 188 -3.76 -3.73 11.05
CA TYR A 188 -3.62 -4.55 9.82
C TYR A 188 -2.23 -5.21 9.62
N ARG A 189 -1.36 -5.10 10.61
CA ARG A 189 0.06 -5.56 10.47
C ARG A 189 0.24 -7.02 10.83
N ALA A 190 0.96 -7.74 9.98
CA ALA A 190 1.32 -9.12 10.23
C ALA A 190 2.08 -9.26 11.56
N PRO A 191 1.80 -10.35 12.28
CA PRO A 191 2.37 -10.48 13.60
C PRO A 191 3.94 -10.57 13.54
N GLU A 192 4.53 -11.20 12.50
CA GLU A 192 5.98 -11.11 12.28
C GLU A 192 6.59 -9.69 12.17
N ILE A 193 5.81 -8.70 11.75
CA ILE A 193 6.32 -7.34 11.78
C ILE A 193 6.20 -6.76 13.14
N MET A 194 5.08 -6.99 13.82
CA MET A 194 4.93 -6.56 15.20
C MET A 194 6.18 -6.96 16.01
N LEU A 195 6.65 -8.18 15.77
CA LEU A 195 7.76 -8.76 16.49
C LEU A 195 9.12 -8.38 15.97
N ASN A 196 9.20 -7.65 14.87
CA ASN A 196 10.47 -7.17 14.36
C ASN A 196 11.34 -8.27 13.71
N TRP A 197 10.69 -9.32 13.16
CA TRP A 197 11.39 -10.30 12.34
C TRP A 197 11.99 -9.59 11.14
N MET A 198 13.29 -9.80 10.93
CA MET A 198 14.02 -9.18 9.83
C MET A 198 13.79 -9.83 8.50
N HIS A 199 13.27 -11.04 8.47
CA HIS A 199 13.19 -11.73 7.21
C HIS A 199 11.77 -12.03 6.75
N TYR A 200 10.84 -11.13 7.04
CA TYR A 200 9.42 -11.35 6.66
C TYR A 200 9.27 -11.27 5.17
N ASN A 201 8.25 -11.89 4.58
CA ASN A 201 8.18 -12.02 3.14
C ASN A 201 6.99 -11.18 2.59
N GLN A 202 6.70 -11.34 1.32
CA GLN A 202 5.63 -10.59 0.70
C GLN A 202 4.27 -10.82 1.34
N THR A 203 4.08 -11.98 1.99
CA THR A 203 2.77 -12.33 2.52
C THR A 203 2.39 -11.53 3.71
N VAL A 204 3.29 -10.70 4.23
CA VAL A 204 2.80 -9.72 5.21
C VAL A 204 1.61 -8.89 4.64
N ASP A 205 1.64 -8.62 3.36
CA ASP A 205 0.63 -7.81 2.72
C ASP A 205 -0.65 -8.65 2.63
N ILE A 206 -0.51 -9.97 2.46
CA ILE A 206 -1.66 -10.87 2.46
C ILE A 206 -2.37 -10.90 3.77
N TRP A 207 -1.62 -10.91 4.87
CA TRP A 207 -2.20 -10.74 6.17
C TRP A 207 -3.09 -9.52 6.26
N SER A 208 -2.56 -8.38 5.83
CA SER A 208 -3.26 -7.09 5.84
C SER A 208 -4.59 -7.17 5.07
N VAL A 209 -4.54 -7.81 3.92
CA VAL A 209 -5.69 -7.96 3.07
C VAL A 209 -6.75 -8.80 3.82
N GLY A 210 -6.30 -9.88 4.44
CA GLY A 210 -7.14 -10.67 5.31
C GLY A 210 -7.87 -9.81 6.33
N CYS A 211 -7.13 -8.98 7.08
CA CYS A 211 -7.67 -8.05 8.04
C CYS A 211 -8.68 -7.03 7.41
N ILE A 212 -8.42 -6.60 6.17
CA ILE A 212 -9.28 -5.65 5.52
C ILE A 212 -10.60 -6.32 5.14
N MET A 213 -10.46 -7.47 4.52
CA MET A 213 -11.55 -8.26 4.08
C MET A 213 -12.48 -8.63 5.24
N ALA A 214 -11.93 -9.11 6.35
CA ALA A 214 -12.74 -9.36 7.52
C ALA A 214 -13.56 -8.13 7.99
N GLU A 215 -12.92 -6.98 7.93
CA GLU A 215 -13.54 -5.77 8.32
C GLU A 215 -14.67 -5.42 7.34
N LEU A 216 -14.45 -5.62 6.03
CA LEU A 216 -15.52 -5.39 5.06
C LEU A 216 -16.73 -6.30 5.24
N LEU A 217 -16.48 -7.57 5.48
CA LEU A 217 -17.57 -8.54 5.65
C LEU A 217 -18.34 -8.41 6.96
N THR A 218 -17.70 -7.92 8.02
CA THR A 218 -18.32 -7.80 9.32
C THR A 218 -18.65 -6.38 9.74
N GLY A 219 -18.06 -5.38 9.10
CA GLY A 219 -18.13 -4.02 9.57
C GLY A 219 -17.41 -3.73 10.86
N ARG A 220 -16.49 -4.60 11.34
CA ARG A 220 -15.70 -4.34 12.57
C ARG A 220 -14.19 -4.59 12.29
N THR A 221 -13.35 -3.72 12.82
CA THR A 221 -11.89 -3.91 12.83
C THR A 221 -11.62 -5.29 13.42
N LEU A 222 -11.02 -6.20 12.65
CA LEU A 222 -10.78 -7.54 13.17
C LEU A 222 -9.92 -7.55 14.45
N PHE A 223 -8.86 -6.75 14.50
CA PHE A 223 -7.90 -6.79 15.62
C PHE A 223 -7.56 -5.40 16.10
N PRO A 224 -8.49 -4.77 16.82
CA PRO A 224 -8.20 -3.38 17.13
C PRO A 224 -7.38 -3.27 18.40
N GLY A 225 -6.12 -3.68 18.33
CA GLY A 225 -5.20 -3.55 19.45
C GLY A 225 -5.00 -2.11 19.85
N THR A 226 -4.84 -1.90 21.16
CA THR A 226 -4.53 -0.60 21.74
C THR A 226 -3.03 -0.34 21.72
N ASP A 227 -2.26 -1.41 21.58
CA ASP A 227 -0.83 -1.32 21.33
C ASP A 227 -0.33 -2.68 20.83
N HIS A 228 0.99 -2.84 20.64
CA HIS A 228 1.56 -4.02 20.05
C HIS A 228 1.42 -5.30 20.86
N ILE A 229 1.32 -5.20 22.19
CA ILE A 229 1.06 -6.39 23.02
C ILE A 229 -0.41 -6.76 22.89
N ASP A 230 -1.29 -5.81 23.12
CA ASP A 230 -2.71 -6.05 22.89
C ASP A 230 -2.97 -6.64 21.47
N GLN A 231 -2.32 -6.07 20.46
CA GLN A 231 -2.45 -6.53 19.07
C GLN A 231 -2.19 -8.01 18.88
N LEU A 232 -1.08 -8.50 19.42
CA LEU A 232 -0.75 -9.93 19.30
C LEU A 232 -1.70 -10.79 20.14
N LYS A 233 -2.08 -10.26 21.29
CA LYS A 233 -3.06 -10.90 22.20
C LYS A 233 -4.33 -11.15 21.41
N LEU A 234 -4.82 -10.12 20.69
CA LEU A 234 -6.06 -10.31 19.90
C LEU A 234 -5.90 -11.27 18.75
N ILE A 235 -4.76 -11.17 18.07
CA ILE A 235 -4.51 -12.06 16.95
C ILE A 235 -4.52 -13.52 17.41
N LEU A 236 -3.79 -13.78 18.51
CA LEU A 236 -3.63 -15.15 18.99
C LEU A 236 -4.94 -15.77 19.49
N ARG A 237 -5.81 -14.93 20.04
CA ARG A 237 -7.17 -15.41 20.38
C ARG A 237 -7.87 -16.05 19.17
N LEU A 238 -7.65 -15.57 17.94
CA LEU A 238 -8.31 -16.16 16.76
C LEU A 238 -7.54 -17.28 16.13
N VAL A 239 -6.24 -17.06 15.91
CA VAL A 239 -5.52 -18.05 15.12
C VAL A 239 -4.97 -19.15 16.03
N GLY A 240 -4.91 -18.91 17.34
CA GLY A 240 -4.36 -19.90 18.24
C GLY A 240 -2.91 -19.63 18.54
N THR A 241 -2.49 -20.05 19.72
CA THR A 241 -1.09 -20.03 20.09
C THR A 241 -0.35 -20.84 19.02
N PRO A 242 0.91 -20.48 18.72
CA PRO A 242 1.61 -21.23 17.65
C PRO A 242 2.09 -22.65 18.04
N GLY A 243 2.09 -23.54 17.06
CA GLY A 243 2.56 -24.88 17.28
C GLY A 243 4.07 -25.04 17.13
N ALA A 244 4.54 -26.21 17.56
CA ALA A 244 5.90 -26.67 17.37
C ALA A 244 6.50 -26.34 15.99
N GLU A 245 5.77 -26.61 14.90
CA GLU A 245 6.28 -26.44 13.53
C GLU A 245 6.70 -24.99 13.24
N LEU A 246 6.08 -24.05 13.91
CA LEU A 246 6.36 -22.65 13.72
C LEU A 246 7.41 -22.24 14.73
N LEU A 247 7.29 -22.74 15.95
CA LEU A 247 8.16 -22.36 17.08
C LEU A 247 9.60 -22.70 16.81
N LYS A 248 9.79 -23.79 16.10
CA LYS A 248 11.12 -24.27 15.82
C LYS A 248 11.82 -23.37 14.80
N LYS A 249 11.05 -22.51 14.11
CA LYS A 249 11.62 -21.59 13.14
C LYS A 249 12.00 -20.26 13.75
N ILE A 250 11.83 -20.18 15.05
CA ILE A 250 12.09 -18.95 15.78
C ILE A 250 13.38 -19.02 16.68
N CYS A 251 14.42 -18.37 16.20
CA CYS A 251 15.71 -18.39 16.86
C CYS A 251 15.89 -17.21 17.76
N SER A 252 14.84 -16.75 18.44
CA SER A 252 15.01 -15.76 19.50
C SER A 252 14.19 -16.21 20.69
N GLU A 253 14.92 -16.55 21.77
CA GLU A 253 14.33 -17.03 23.01
C GLU A 253 13.40 -15.95 23.55
N SER A 254 13.79 -14.68 23.34
CA SER A 254 12.96 -13.54 23.70
C SER A 254 11.56 -13.73 23.13
N ALA A 255 11.45 -13.71 21.81
CA ALA A 255 10.17 -13.88 21.14
C ALA A 255 9.52 -15.20 21.46
N ARG A 256 10.34 -16.26 21.42
CA ARG A 256 9.93 -17.65 21.79
C ARG A 256 9.27 -17.67 23.17
N ASN A 257 9.96 -17.08 24.14
CA ASN A 257 9.53 -17.09 25.53
C ASN A 257 8.22 -16.32 25.66
N TYR A 258 7.96 -15.36 24.75
CA TYR A 258 6.68 -14.62 24.69
C TYR A 258 5.45 -15.46 24.44
N ILE A 259 5.38 -16.03 23.23
CA ILE A 259 4.24 -16.84 22.82
C ILE A 259 4.00 -18.00 23.79
N GLN A 260 5.06 -18.75 24.13
CA GLN A 260 5.01 -19.82 25.15
C GLN A 260 4.26 -19.31 26.37
N SER A 261 4.76 -18.17 26.85
CA SER A 261 4.25 -17.49 28.02
C SER A 261 2.90 -16.86 27.75
N LEU A 262 2.73 -16.20 26.61
CA LEU A 262 1.47 -15.51 26.31
C LEU A 262 0.30 -16.53 26.32
N THR A 263 -0.94 -16.09 26.59
CA THR A 263 -2.04 -17.03 26.93
C THR A 263 -2.12 -18.17 25.89
N GLN A 264 -2.21 -19.43 26.34
CA GLN A 264 -2.06 -20.60 25.45
C GLN A 264 -3.39 -21.15 24.84
N MET A 265 -3.98 -20.40 23.90
CA MET A 265 -5.33 -20.70 23.34
C MET A 265 -5.28 -21.50 22.05
N PRO A 266 -6.40 -22.16 21.68
CA PRO A 266 -6.41 -22.93 20.46
C PRO A 266 -6.96 -22.12 19.28
N LYS A 267 -6.65 -22.63 18.08
CA LYS A 267 -7.19 -22.14 16.83
C LYS A 267 -8.70 -22.02 16.90
N MET A 268 -9.25 -20.82 16.73
CA MET A 268 -10.72 -20.69 16.59
C MET A 268 -11.17 -21.16 15.22
N ASN A 269 -12.46 -21.52 15.14
CA ASN A 269 -13.05 -21.98 13.89
C ASN A 269 -13.60 -20.74 13.21
N PHE A 270 -13.15 -20.49 11.99
CA PHE A 270 -13.44 -19.22 11.34
C PHE A 270 -14.95 -19.11 11.05
N ALA A 271 -15.55 -20.21 10.57
CA ALA A 271 -17.03 -20.35 10.41
C ALA A 271 -17.83 -19.91 11.65
N ASN A 272 -17.29 -20.21 12.83
CA ASN A 272 -17.83 -19.74 14.10
C ASN A 272 -17.52 -18.28 14.45
N VAL A 273 -16.59 -17.66 13.74
CA VAL A 273 -16.26 -16.29 14.03
C VAL A 273 -16.92 -15.41 12.97
N PHE A 274 -16.90 -15.84 11.72
CA PHE A 274 -17.51 -15.06 10.64
C PHE A 274 -18.83 -15.73 10.35
N ILE A 275 -19.75 -15.64 11.32
CA ILE A 275 -20.97 -16.50 11.27
C ILE A 275 -21.89 -15.94 10.18
N GLY A 276 -22.31 -16.84 9.28
CA GLY A 276 -23.26 -16.50 8.23
C GLY A 276 -22.65 -15.82 7.00
N ALA A 277 -21.32 -15.68 7.00
CA ALA A 277 -20.61 -15.15 5.84
C ALA A 277 -20.51 -16.25 4.82
N ASN A 278 -20.30 -15.88 3.58
CA ASN A 278 -20.01 -16.87 2.56
C ASN A 278 -18.87 -17.80 3.03
N PRO A 279 -19.14 -19.13 3.04
CA PRO A 279 -18.09 -20.04 3.43
C PRO A 279 -16.83 -19.95 2.59
N LEU A 280 -16.91 -19.65 1.30
CA LEU A 280 -15.69 -19.46 0.52
C LEU A 280 -14.85 -18.27 1.00
N ALA A 281 -15.51 -17.22 1.46
CA ALA A 281 -14.87 -16.08 2.05
C ALA A 281 -14.16 -16.43 3.37
N VAL A 282 -14.83 -17.23 4.19
CA VAL A 282 -14.25 -17.76 5.40
C VAL A 282 -13.05 -18.68 5.13
N ASP A 283 -13.14 -19.50 4.07
CA ASP A 283 -12.06 -20.32 3.68
C ASP A 283 -10.80 -19.52 3.26
N LEU A 284 -11.00 -18.45 2.48
CA LEU A 284 -9.91 -17.62 2.00
C LEU A 284 -9.36 -16.93 3.21
N LEU A 285 -10.23 -16.35 4.05
CA LEU A 285 -9.77 -15.83 5.33
C LEU A 285 -8.89 -16.79 6.15
N GLU A 286 -9.24 -18.08 6.20
CA GLU A 286 -8.43 -19.09 6.88
C GLU A 286 -7.04 -19.08 6.26
N LYS A 287 -6.97 -19.03 4.92
CA LYS A 287 -5.72 -19.16 4.20
C LYS A 287 -4.80 -17.89 4.23
N MET A 288 -5.38 -16.74 4.49
CA MET A 288 -4.67 -15.46 4.63
C MET A 288 -4.21 -15.24 6.03
N LEU A 289 -5.06 -15.56 7.00
CA LEU A 289 -4.72 -15.27 8.37
C LEU A 289 -4.04 -16.43 9.10
N VAL A 290 -2.96 -16.88 8.49
CA VAL A 290 -2.10 -17.93 8.98
C VAL A 290 -0.90 -17.27 9.59
N LEU A 291 -0.61 -17.70 10.80
CA LEU A 291 0.40 -17.12 11.61
C LEU A 291 1.79 -17.35 10.99
N ASP A 292 1.95 -18.53 10.42
CA ASP A 292 3.20 -18.91 9.79
C ASP A 292 3.24 -18.42 8.40
N SER A 293 4.04 -17.37 8.20
CA SER A 293 4.11 -16.77 6.90
C SER A 293 4.61 -17.67 5.82
N ASP A 294 5.31 -18.76 6.17
CA ASP A 294 5.71 -19.74 5.15
C ASP A 294 4.53 -20.51 4.58
N LYS A 295 3.41 -20.50 5.30
CA LYS A 295 2.24 -21.26 4.89
C LYS A 295 1.13 -20.38 4.34
N ARG A 296 1.29 -19.06 4.44
CA ARG A 296 0.24 -18.08 4.14
C ARG A 296 0.11 -18.05 2.65
N ILE A 297 -1.12 -17.93 2.14
CA ILE A 297 -1.35 -17.93 0.70
C ILE A 297 -0.68 -16.68 0.06
N THR A 298 -0.24 -16.82 -1.17
CA THR A 298 0.29 -15.72 -1.94
C THR A 298 -0.81 -14.98 -2.69
N ALA A 299 -0.46 -13.83 -3.28
CA ALA A 299 -1.47 -13.04 -3.99
C ALA A 299 -1.93 -13.84 -5.19
N ALA A 300 -0.97 -14.32 -5.99
CA ALA A 300 -1.28 -15.14 -7.13
C ALA A 300 -2.12 -16.35 -6.76
N GLN A 301 -1.82 -17.00 -5.65
CA GLN A 301 -2.63 -18.15 -5.21
C GLN A 301 -4.04 -17.73 -4.84
N ALA A 302 -4.15 -16.62 -4.10
CA ALA A 302 -5.41 -16.23 -3.60
C ALA A 302 -6.31 -15.83 -4.80
N LEU A 303 -5.70 -15.35 -5.89
CA LEU A 303 -6.46 -15.03 -7.07
C LEU A 303 -7.16 -16.23 -7.73
N ALA A 304 -6.58 -17.41 -7.62
CA ALA A 304 -7.17 -18.57 -8.23
C ALA A 304 -8.09 -19.24 -7.23
N HIS A 305 -8.28 -18.69 -6.03
CA HIS A 305 -9.21 -19.27 -5.10
C HIS A 305 -10.65 -19.04 -5.59
N ALA A 306 -11.45 -20.08 -5.29
CA ALA A 306 -12.86 -20.22 -5.73
C ALA A 306 -13.73 -18.99 -5.52
N TYR A 307 -13.60 -18.36 -4.37
CA TYR A 307 -14.24 -17.09 -4.04
C TYR A 307 -14.20 -16.00 -5.10
N PHE A 308 -13.18 -16.02 -5.97
CA PHE A 308 -13.01 -15.05 -7.08
C PHE A 308 -13.32 -15.64 -8.42
N ALA A 309 -14.06 -16.76 -8.38
CA ALA A 309 -14.44 -17.50 -9.58
C ALA A 309 -15.00 -16.58 -10.64
N GLN A 310 -15.84 -15.62 -10.23
CA GLN A 310 -16.50 -14.80 -11.23
C GLN A 310 -15.66 -13.67 -11.81
N TYR A 311 -14.46 -13.36 -11.25
CA TYR A 311 -13.51 -12.32 -11.76
C TYR A 311 -12.13 -12.80 -12.21
N HIS A 312 -11.70 -13.92 -11.66
CA HIS A 312 -10.38 -14.43 -11.92
C HIS A 312 -10.27 -14.74 -13.37
N ASP A 313 -9.26 -14.18 -13.98
CA ASP A 313 -8.82 -14.53 -15.32
C ASP A 313 -7.29 -14.49 -15.37
N PRO A 314 -6.62 -15.66 -15.47
CA PRO A 314 -5.15 -15.64 -15.44
C PRO A 314 -4.47 -15.01 -16.66
N ASP A 315 -5.23 -14.58 -17.66
CA ASP A 315 -4.60 -13.85 -18.77
C ASP A 315 -4.73 -12.36 -18.58
N ASP A 316 -5.39 -11.96 -17.51
CA ASP A 316 -5.66 -10.57 -17.27
C ASP A 316 -5.18 -10.15 -15.89
N GLU A 317 -4.06 -10.75 -15.49
CA GLU A 317 -3.53 -10.63 -14.14
C GLU A 317 -2.05 -10.46 -14.31
N PRO A 318 -1.65 -9.36 -14.94
CA PRO A 318 -0.27 -9.19 -15.32
C PRO A 318 0.73 -8.97 -14.20
N VAL A 319 2.01 -9.20 -14.54
CA VAL A 319 3.12 -9.05 -13.61
C VAL A 319 3.88 -7.83 -14.05
N ALA A 320 4.86 -7.41 -13.27
CA ALA A 320 5.52 -6.13 -13.49
C ALA A 320 6.87 -6.36 -14.16
N ASP A 321 7.36 -5.35 -14.83
CA ASP A 321 8.77 -5.32 -15.17
C ASP A 321 9.65 -5.37 -13.91
N PRO A 322 10.88 -5.87 -14.06
CA PRO A 322 11.64 -6.00 -12.86
C PRO A 322 12.03 -4.61 -12.41
N TYR A 323 12.24 -4.48 -11.12
CA TYR A 323 12.48 -3.17 -10.55
C TYR A 323 13.84 -3.21 -9.87
N ASP A 324 14.66 -2.25 -10.23
CA ASP A 324 16.01 -2.08 -9.62
C ASP A 324 16.00 -1.46 -8.25
N GLN A 325 16.09 -2.30 -7.22
CA GLN A 325 16.02 -1.91 -5.83
C GLN A 325 17.45 -1.75 -5.24
N SER A 326 18.51 -1.76 -6.06
CA SER A 326 19.86 -1.73 -5.46
C SER A 326 20.12 -0.46 -4.65
N PHE A 327 19.50 0.64 -5.09
CA PHE A 327 19.61 1.88 -4.31
C PHE A 327 19.29 1.68 -2.88
N GLU A 328 18.39 0.74 -2.55
CA GLU A 328 17.99 0.57 -1.13
C GLU A 328 19.14 0.19 -0.20
N SER A 329 20.13 -0.49 -0.71
CA SER A 329 21.29 -0.82 0.15
C SER A 329 22.39 0.29 0.10
N ARG A 330 22.16 1.40 -0.64
CA ARG A 330 23.23 2.42 -0.77
C ARG A 330 23.14 3.49 0.27
N ASP A 331 24.30 3.88 0.84
CA ASP A 331 24.36 4.98 1.83
C ASP A 331 25.02 6.15 1.17
N LEU A 332 24.24 7.21 0.96
CA LEU A 332 24.69 8.30 0.11
C LEU A 332 24.50 9.62 0.80
N LEU A 333 25.10 10.64 0.21
CA LEU A 333 24.98 12.00 0.69
C LEU A 333 23.60 12.58 0.32
N ILE A 334 23.14 13.54 1.12
CA ILE A 334 21.90 14.24 0.77
C ILE A 334 21.94 14.73 -0.63
N ASP A 335 23.03 15.41 -1.01
CA ASP A 335 23.09 15.94 -2.37
C ASP A 335 23.07 14.88 -3.48
N GLU A 336 23.54 13.70 -3.15
CA GLU A 336 23.52 12.62 -4.15
C GLU A 336 22.10 12.04 -4.28
N TRP A 337 21.40 11.85 -3.18
CA TRP A 337 20.02 11.41 -3.30
C TRP A 337 19.24 12.45 -4.05
N LYS A 338 19.54 13.69 -3.74
CA LYS A 338 18.88 14.80 -4.42
C LYS A 338 19.09 14.79 -5.88
N SER A 339 20.33 14.57 -6.28
CA SER A 339 20.66 14.59 -7.71
C SER A 339 20.08 13.37 -8.45
N LEU A 340 20.02 12.21 -7.79
CA LEU A 340 19.34 11.07 -8.37
C LEU A 340 17.87 11.38 -8.60
N THR A 341 17.28 12.04 -7.63
CA THR A 341 15.87 12.36 -7.73
C THR A 341 15.67 13.29 -8.91
N TYR A 342 16.52 14.33 -9.00
CA TYR A 342 16.42 15.27 -10.12
C TYR A 342 16.53 14.51 -11.48
N ASP A 343 17.47 13.61 -11.61
CA ASP A 343 17.56 12.77 -12.81
C ASP A 343 16.20 12.10 -13.13
N GLU A 344 15.55 11.53 -12.12
CA GLU A 344 14.27 10.85 -12.32
C GLU A 344 13.14 11.82 -12.72
N VAL A 345 13.12 13.01 -12.15
CA VAL A 345 12.17 14.03 -12.59
C VAL A 345 12.34 14.32 -14.10
N ILE A 346 13.58 14.57 -14.48
CA ILE A 346 13.96 15.01 -15.83
C ILE A 346 13.67 13.93 -16.84
N SER A 347 14.00 12.69 -16.54
CA SER A 347 13.79 11.55 -17.42
C SER A 347 12.34 11.00 -17.52
N PHE A 348 11.38 11.64 -16.85
CA PHE A 348 10.06 11.08 -16.72
C PHE A 348 9.40 11.05 -18.11
N VAL A 349 8.86 9.90 -18.51
CA VAL A 349 8.07 9.83 -19.77
C VAL A 349 6.61 9.64 -19.43
N PRO A 350 5.76 10.64 -19.67
CA PRO A 350 4.38 10.50 -19.26
C PRO A 350 3.70 9.35 -20.00
N PRO A 351 2.64 8.79 -19.40
CA PRO A 351 1.91 7.75 -20.08
C PRO A 351 1.07 8.33 -21.23
N PRO A 352 0.86 7.52 -22.30
CA PRO A 352 -0.02 7.90 -23.43
C PRO A 352 -1.43 8.30 -23.04
N LEU A 353 -2.11 9.06 -23.91
CA LEU A 353 -3.55 9.30 -23.74
C LEU A 353 -4.37 8.10 -24.28
N ASP A 354 -5.42 7.72 -23.53
CA ASP A 354 -6.33 6.63 -23.95
C ASP A 354 -7.66 6.74 -23.23
C4 9O2 B . 9.58 -16.56 11.77
C5 9O2 B . 8.17 -16.37 11.75
C6 9O2 B . 7.68 -15.47 12.66
N1 9O2 B . 8.47 -14.82 13.49
N3 9O2 B . 10.36 -15.84 12.63
CAJ 9O2 B . 16.97 -15.09 14.70
CAH 9O2 B . 16.29 -13.89 15.31
CAG 9O2 B . 14.80 -14.29 15.36
OAI 9O2 B . 14.43 -15.45 15.53
NAF 9O2 B . 14.00 -13.23 15.19
CAN 9O2 B . 12.68 -13.33 15.19
CAO 9O2 B . 11.97 -14.15 14.33
CAM 9O2 B . 12.02 -12.48 16.05
CAL 9O2 B . 10.65 -12.52 16.10
CAK 9O2 B . 9.94 -13.35 15.24
CAP 9O2 B . 10.58 -14.21 14.37
C2 9O2 B . 9.81 -15.00 13.50
CBC 9O2 B . 10.12 -17.48 10.89
CBD 9O2 B . 9.28 -18.19 9.98
NAQ 9O2 B . 9.83 -19.05 9.17
CBE 9O2 B . 7.89 -18.04 9.95
CAZ 9O2 B . 7.35 -17.11 10.86
NAS 9O2 B . 6.38 -15.29 12.68
CAU 9O2 B . 5.69 -15.70 13.83
CAR 9O2 B . 5.25 -14.42 14.38
CAT 9O2 B . 4.54 -14.67 15.61
CAA 9O2 B . 4.52 -15.85 16.34
CAB 9O2 B . 3.77 -15.94 17.51
CAC 9O2 B . 3.00 -14.89 18.00
CAD 9O2 B . 3.01 -13.71 17.29
CAE 9O2 B . 3.77 -13.62 16.12
#